data_3LUO
#
_entry.id   3LUO
#
_cell.length_a   111.400
_cell.length_b   111.400
_cell.length_c   111.400
_cell.angle_alpha   90.000
_cell.angle_beta   90.000
_cell.angle_gamma   90.000
#
_symmetry.space_group_name_H-M   'I 21 3'
#
loop_
_entity.id
_entity.type
_entity.pdbx_description
1 polymer 'Peptidyl-prolyl cis-trans isomerase'
2 polymer Suc-Ala-Leu-Pro-Phe-pNA
3 non-polymer 'ZINC ION'
4 water water
#
loop_
_entity_poly.entity_id
_entity_poly.type
_entity_poly.pdbx_seq_one_letter_code
_entity_poly.pdbx_strand_id
1 'polypeptide(L)'
;MKVGQDKVVTIRYTLQVEGEVLDQGELSYLHGHRNLIPGLEEALEGREEGEAFQAHVPAEKAYGPHDPEGVQVVPLSAFP
EDAEVVPGAQFYAQDMEGNPMPLTVVAVEGEEVTVDFNHPLAGKDLDFQVEVVKVREATPEELLHGHAHPSGHHHHHH
;
A
2 'polypeptide(L)' (SIN)ALPA(NIT) B
#
loop_
_chem_comp.id
_chem_comp.type
_chem_comp.name
_chem_comp.formula
NIT non-polymer 4-NITROANILINE 'C6 H6 N2 O2'
SIN non-polymer 'SUCCINIC ACID' 'C4 H6 O4'
ZN non-polymer 'ZINC ION' 'Zn 2'
#
# COMPACT_ATOMS: atom_id res chain seq x y z
N MET A 1 -15.43 2.58 21.01
CA MET A 1 -16.03 1.46 20.32
C MET A 1 -14.96 0.60 19.63
N LYS A 2 -15.39 -0.41 18.89
CA LYS A 2 -14.44 -1.25 18.19
C LYS A 2 -14.57 -1.19 16.67
N VAL A 3 -13.48 -1.49 15.98
CA VAL A 3 -13.41 -1.37 14.54
C VAL A 3 -14.42 -2.28 13.86
N GLY A 4 -15.22 -1.69 12.97
CA GLY A 4 -16.11 -2.47 12.14
C GLY A 4 -16.58 -1.70 10.92
N GLN A 5 -17.50 -2.32 10.17
CA GLN A 5 -18.10 -1.72 9.00
C GLN A 5 -18.56 -0.30 9.30
N ASP A 6 -18.21 0.65 8.44
CA ASP A 6 -18.74 2.02 8.52
C ASP A 6 -18.25 2.85 9.70
N LYS A 7 -17.15 2.42 10.32
CA LYS A 7 -16.47 3.22 11.32
C LYS A 7 -15.30 3.94 10.68
N VAL A 8 -15.00 5.13 11.16
CA VAL A 8 -13.77 5.81 10.77
C VAL A 8 -12.72 5.54 11.84
N VAL A 9 -11.64 4.89 11.44
CA VAL A 9 -10.63 4.44 12.37
C VAL A 9 -9.35 5.26 12.23
N THR A 10 -8.80 5.69 13.35
CA THR A 10 -7.52 6.39 13.31
C THR A 10 -6.44 5.50 13.92
N ILE A 11 -5.44 5.16 13.11
CA ILE A 11 -4.34 4.31 13.58
C ILE A 11 -3.00 5.05 13.51
N ARG A 12 -2.12 4.66 14.40
CA ARG A 12 -0.72 5.08 14.37
C ARG A 12 0.07 3.81 14.07
N TYR A 13 0.83 3.80 12.99
CA TYR A 13 1.45 2.56 12.53
C TYR A 13 2.91 2.76 12.16
N THR A 14 3.67 1.67 12.21
CA THR A 14 4.96 1.59 11.55
C THR A 14 4.88 0.46 10.51
N LEU A 15 5.49 0.66 9.36
CA LEU A 15 5.54 -0.38 8.33
C LEU A 15 6.99 -0.79 8.10
N GLN A 16 7.26 -2.09 8.20
CA GLN A 16 8.60 -2.60 7.92
C GLN A 16 8.55 -3.69 6.87
N VAL A 17 9.53 -3.66 5.97
CA VAL A 17 9.70 -4.70 4.98
C VAL A 17 11.10 -5.26 5.15
N GLU A 18 11.22 -6.59 5.06
CA GLU A 18 12.52 -7.25 5.17
C GLU A 18 13.34 -6.72 6.34
N GLY A 19 12.65 -6.29 7.39
CA GLY A 19 13.32 -5.91 8.63
C GLY A 19 13.61 -4.42 8.78
N GLU A 20 13.37 -3.67 7.71
CA GLU A 20 13.67 -2.24 7.65
C GLU A 20 12.37 -1.43 7.55
N VAL A 21 12.29 -0.30 8.25
CA VAL A 21 11.08 0.51 8.20
C VAL A 21 11.04 1.37 6.95
N LEU A 22 9.89 1.36 6.27
CA LEU A 22 9.72 2.07 5.00
C LEU A 22 8.83 3.28 5.17
N ASP A 23 8.01 3.25 6.21
CA ASP A 23 7.02 4.30 6.41
C ASP A 23 6.39 4.21 7.78
N GLN A 24 5.85 5.34 8.23
CA GLN A 24 5.19 5.41 9.51
C GLN A 24 4.34 6.66 9.54
N GLY A 25 3.49 6.76 10.56
CA GLY A 25 2.63 7.91 10.69
C GLY A 25 1.30 7.63 11.34
N GLU A 26 0.34 8.51 11.06
CA GLU A 26 -1.00 8.40 11.56
C GLU A 26 -1.94 8.58 10.39
N LEU A 27 -2.90 7.68 10.25
CA LEU A 27 -3.94 7.89 9.26
C LEU A 27 -5.34 7.56 9.79
N SER A 28 -6.33 8.04 9.07
CA SER A 28 -7.71 7.74 9.36
C SER A 28 -8.31 7.19 8.09
N TYR A 29 -9.04 6.09 8.18
CA TYR A 29 -9.63 5.50 7.00
C TYR A 29 -11.04 5.06 7.37
N LEU A 30 -11.87 4.90 6.34
CA LEU A 30 -13.22 4.40 6.53
C LEU A 30 -13.16 2.88 6.36
N HIS A 31 -13.53 2.16 7.41
CA HIS A 31 -13.43 0.69 7.44
C HIS A 31 -14.61 0.01 6.74
N GLY A 32 -14.30 -0.99 5.93
CA GLY A 32 -15.33 -1.77 5.25
C GLY A 32 -15.67 -1.23 3.87
N HIS A 33 -14.75 -0.46 3.29
CA HIS A 33 -14.99 0.16 1.99
C HIS A 33 -13.79 -0.06 1.07
N ARG A 34 -12.94 -1.01 1.41
CA ARG A 34 -11.77 -1.34 0.60
C ARG A 34 -10.80 -0.17 0.45
N ASN A 35 -10.63 0.61 1.51
CA ASN A 35 -9.70 1.74 1.49
C ASN A 35 -8.29 1.34 1.93
N LEU A 36 -8.17 0.26 2.70
CA LEU A 36 -6.87 -0.24 3.14
C LEU A 36 -6.55 -1.53 2.40
N ILE A 37 -5.28 -1.90 2.36
CA ILE A 37 -4.91 -3.24 1.88
C ILE A 37 -5.63 -4.29 2.72
N PRO A 38 -6.15 -5.31 2.06
CA PRO A 38 -7.00 -6.34 2.68
C PRO A 38 -6.45 -6.91 4.00
N GLY A 39 -5.20 -7.32 4.02
CA GLY A 39 -4.62 -7.95 5.20
C GLY A 39 -4.64 -7.08 6.44
N LEU A 40 -4.36 -5.79 6.27
CA LEU A 40 -4.33 -4.87 7.40
C LEU A 40 -5.73 -4.65 7.95
N GLU A 41 -6.67 -4.43 7.06
CA GLU A 41 -8.06 -4.19 7.43
C GLU A 41 -8.61 -5.40 8.20
N GLU A 42 -8.23 -6.59 7.75
CA GLU A 42 -8.63 -7.83 8.43
C GLU A 42 -8.07 -7.88 9.84
N ALA A 43 -6.78 -7.56 9.97
CA ALA A 43 -6.13 -7.53 11.26
C ALA A 43 -6.73 -6.49 12.21
N LEU A 44 -7.33 -5.44 11.63
CA LEU A 44 -7.95 -4.39 12.45
C LEU A 44 -9.36 -4.77 12.90
N GLU A 45 -10.02 -5.60 12.09
CA GLU A 45 -11.39 -6.02 12.35
C GLU A 45 -11.59 -6.45 13.80
N GLY A 46 -12.57 -5.86 14.46
CA GLY A 46 -12.89 -6.24 15.83
C GLY A 46 -12.10 -5.57 16.94
N ARG A 47 -10.96 -4.98 16.60
CA ARG A 47 -10.09 -4.31 17.57
C ARG A 47 -10.81 -3.18 18.32
N GLU A 48 -10.62 -3.12 19.64
CA GLU A 48 -11.13 -2.00 20.44
C GLU A 48 -10.21 -0.80 20.33
N GLU A 49 -10.80 0.39 20.39
CA GLU A 49 -10.01 1.60 20.51
C GLU A 49 -9.05 1.46 21.69
N GLY A 50 -7.77 1.78 21.46
CA GLY A 50 -6.75 1.63 22.48
C GLY A 50 -5.87 0.38 22.33
N GLU A 51 -6.23 -0.50 21.40
CA GLU A 51 -5.46 -1.72 21.19
C GLU A 51 -4.17 -1.49 20.42
N ALA A 52 -3.13 -2.22 20.84
CA ALA A 52 -1.86 -2.27 20.15
C ALA A 52 -1.57 -3.70 19.70
N PHE A 53 -1.03 -3.87 18.49
CA PHE A 53 -0.76 -5.21 18.00
C PHE A 53 0.20 -5.18 16.82
N GLN A 54 0.90 -6.28 16.61
CA GLN A 54 1.63 -6.48 15.37
C GLN A 54 0.72 -7.24 14.41
N ALA A 55 0.98 -7.05 13.13
CA ALA A 55 0.30 -7.80 12.11
C ALA A 55 1.29 -8.02 10.96
N HIS A 56 1.51 -9.29 10.66
CA HIS A 56 2.24 -9.65 9.44
C HIS A 56 1.18 -9.82 8.36
N VAL A 57 1.34 -9.12 7.25
CA VAL A 57 0.39 -9.27 6.15
C VAL A 57 1.17 -9.61 4.89
N PRO A 58 1.06 -10.86 4.44
CA PRO A 58 1.83 -11.40 3.31
C PRO A 58 1.46 -10.71 2.00
N ALA A 59 2.35 -10.78 1.01
CA ALA A 59 2.13 -10.09 -0.26
C ALA A 59 0.75 -10.39 -0.87
N GLU A 60 0.23 -11.59 -0.64
CA GLU A 60 -1.02 -12.02 -1.25
C GLU A 60 -2.23 -11.25 -0.72
N LYS A 61 -2.04 -10.53 0.39
CA LYS A 61 -3.13 -9.78 1.01
C LYS A 61 -2.78 -8.30 1.12
N ALA A 62 -1.69 -7.93 0.46
CA ALA A 62 -1.21 -6.55 0.45
C ALA A 62 -1.21 -5.99 -0.97
N TYR A 63 -0.03 -5.96 -1.60
CA TYR A 63 0.10 -5.40 -2.96
C TYR A 63 0.24 -6.48 -4.03
N GLY A 64 -0.10 -7.71 -3.67
CA GLY A 64 -0.11 -8.81 -4.60
C GLY A 64 1.26 -9.34 -4.95
N PRO A 65 1.32 -10.47 -5.65
CA PRO A 65 2.54 -11.16 -6.09
C PRO A 65 3.33 -10.34 -7.10
N HIS A 66 4.62 -10.65 -7.23
CA HIS A 66 5.45 -10.01 -8.25
C HIS A 66 5.32 -10.73 -9.58
N ASP A 67 4.70 -10.07 -10.55
CA ASP A 67 4.49 -10.64 -11.87
C ASP A 67 5.82 -10.68 -12.64
N PRO A 68 6.37 -11.88 -12.85
CA PRO A 68 7.63 -12.04 -13.61
C PRO A 68 7.48 -11.52 -15.02
N GLU A 69 6.25 -11.30 -15.45
CA GLU A 69 5.96 -10.75 -16.77
C GLU A 69 6.20 -9.25 -16.78
N GLY A 70 6.16 -8.64 -15.60
CA GLY A 70 6.35 -7.20 -15.46
C GLY A 70 7.81 -6.80 -15.54
N VAL A 71 8.70 -7.79 -15.48
CA VAL A 71 10.13 -7.54 -15.65
C VAL A 71 10.53 -7.75 -17.11
N GLN A 72 11.08 -6.71 -17.73
CA GLN A 72 11.47 -6.80 -19.13
C GLN A 72 12.79 -6.10 -19.43
N VAL A 73 13.42 -6.49 -20.53
CA VAL A 73 14.66 -5.85 -20.96
C VAL A 73 14.36 -4.84 -22.07
N VAL A 74 14.66 -3.58 -21.80
CA VAL A 74 14.46 -2.51 -22.79
C VAL A 74 15.80 -1.97 -23.26
N PRO A 75 15.84 -1.51 -24.51
CA PRO A 75 17.06 -0.92 -25.09
C PRO A 75 17.46 0.35 -24.34
N LEU A 76 18.76 0.58 -24.19
CA LEU A 76 19.26 1.83 -23.61
C LEU A 76 18.81 2.99 -24.50
N SER A 77 18.61 2.68 -25.78
CA SER A 77 18.19 3.66 -26.77
C SER A 77 16.74 4.12 -26.56
N ALA A 78 15.97 3.32 -25.83
CA ALA A 78 14.56 3.61 -25.62
C ALA A 78 14.35 4.66 -24.54
N PHE A 79 15.34 4.84 -23.67
CA PHE A 79 15.24 5.82 -22.59
C PHE A 79 15.57 7.23 -23.08
N PRO A 80 14.83 8.23 -22.58
CA PRO A 80 15.03 9.63 -22.93
C PRO A 80 16.45 10.10 -22.65
N PRO A 87 20.32 1.13 -11.38
CA PRO A 87 19.26 0.58 -10.53
C PRO A 87 18.58 1.65 -9.70
N GLY A 88 17.44 1.32 -9.11
CA GLY A 88 16.67 2.26 -8.30
C GLY A 88 16.05 3.36 -9.16
N ALA A 89 16.35 3.32 -10.45
CA ALA A 89 15.85 4.31 -11.39
C ALA A 89 14.34 4.22 -11.56
N GLN A 90 13.65 5.30 -11.21
CA GLN A 90 12.19 5.36 -11.34
C GLN A 90 11.80 6.18 -12.57
N PHE A 91 11.19 5.52 -13.55
CA PHE A 91 10.74 6.20 -14.75
C PHE A 91 9.22 6.28 -14.82
N TYR A 92 8.70 7.49 -14.94
CA TYR A 92 7.26 7.70 -15.09
C TYR A 92 6.93 7.82 -16.57
N ALA A 93 7.22 6.74 -17.31
CA ALA A 93 7.04 6.71 -18.75
C ALA A 93 5.58 6.54 -19.14
N GLN A 94 5.21 7.17 -20.25
CA GLN A 94 3.81 7.20 -20.70
C GLN A 94 3.24 5.83 -21.01
N ASP A 95 2.03 5.58 -20.50
CA ASP A 95 1.31 4.37 -20.83
C ASP A 95 1.05 4.37 -22.33
N MET A 96 0.73 3.20 -22.87
CA MET A 96 0.49 3.08 -24.31
C MET A 96 -0.91 3.54 -24.70
N GLU A 97 -1.81 3.60 -23.73
CA GLU A 97 -3.19 3.99 -24.01
C GLU A 97 -3.78 4.97 -22.99
N GLY A 98 -3.14 5.06 -21.81
CA GLY A 98 -3.61 5.92 -20.76
C GLY A 98 -3.35 5.33 -19.39
N ASN A 99 -3.20 6.19 -18.39
CA ASN A 99 -2.85 5.76 -17.04
C ASN A 99 -1.40 5.28 -16.97
N PRO A 100 -0.45 6.23 -16.90
CA PRO A 100 0.99 5.92 -16.83
C PRO A 100 1.32 4.85 -15.80
N MET A 101 2.39 4.10 -16.05
CA MET A 101 2.81 3.05 -15.13
C MET A 101 4.29 3.17 -14.82
N PRO A 102 4.63 3.67 -13.62
CA PRO A 102 6.01 3.87 -13.19
C PRO A 102 6.85 2.60 -13.26
N LEU A 103 7.91 2.62 -14.05
CA LEU A 103 8.85 1.50 -14.09
C LEU A 103 10.05 1.81 -13.22
N THR A 104 10.75 0.77 -12.79
CA THR A 104 11.97 0.94 -12.03
C THR A 104 13.04 0.00 -12.55
N VAL A 105 14.20 0.56 -12.91
CA VAL A 105 15.29 -0.22 -13.49
C VAL A 105 16.09 -0.94 -12.40
N VAL A 106 16.36 -2.22 -12.62
CA VAL A 106 17.10 -3.02 -11.65
C VAL A 106 18.57 -3.19 -12.05
N ALA A 107 18.82 -3.28 -13.36
CA ALA A 107 20.17 -3.47 -13.86
C ALA A 107 20.31 -3.07 -15.33
N VAL A 108 21.53 -2.75 -15.75
CA VAL A 108 21.81 -2.36 -17.13
C VAL A 108 23.19 -2.83 -17.56
N GLU A 109 23.24 -3.66 -18.60
CA GLU A 109 24.51 -4.10 -19.14
C GLU A 109 24.61 -3.82 -20.63
N GLY A 110 25.31 -2.75 -20.98
CA GLY A 110 25.49 -2.36 -22.37
C GLY A 110 24.23 -1.73 -22.95
N GLU A 111 23.75 -2.30 -24.05
CA GLU A 111 22.53 -1.83 -24.70
C GLU A 111 21.31 -2.27 -23.89
N GLU A 112 21.43 -3.41 -23.23
CA GLU A 112 20.35 -4.00 -22.45
C GLU A 112 20.05 -3.24 -21.16
N VAL A 113 18.77 -3.06 -20.87
CA VAL A 113 18.33 -2.48 -19.60
C VAL A 113 17.18 -3.32 -19.04
N THR A 114 17.24 -3.61 -17.74
CA THR A 114 16.18 -4.36 -17.10
C THR A 114 15.22 -3.43 -16.38
N VAL A 115 13.94 -3.51 -16.74
CA VAL A 115 12.92 -2.65 -16.15
C VAL A 115 11.85 -3.45 -15.43
N ASP A 116 11.13 -2.80 -14.53
CA ASP A 116 10.11 -3.48 -13.72
C ASP A 116 8.85 -2.63 -13.60
N PHE A 117 7.72 -3.19 -14.03
CA PHE A 117 6.45 -2.48 -14.00
C PHE A 117 5.72 -2.63 -12.68
N ASN A 118 6.00 -3.72 -11.97
CA ASN A 118 5.33 -4.04 -10.71
C ASN A 118 5.28 -2.86 -9.72
N HIS A 119 4.35 -2.93 -8.78
CA HIS A 119 4.33 -2.01 -7.63
C HIS A 119 5.56 -2.28 -6.76
N PRO A 120 6.12 -1.23 -6.16
CA PRO A 120 7.32 -1.37 -5.30
C PRO A 120 7.22 -2.50 -4.27
N LEU A 121 6.09 -2.57 -3.58
CA LEU A 121 5.92 -3.56 -2.50
C LEU A 121 5.39 -4.90 -2.98
N ALA A 122 5.31 -5.08 -4.29
CA ALA A 122 4.82 -6.34 -4.87
C ALA A 122 5.78 -7.45 -4.55
N GLY A 123 5.24 -8.60 -4.12
CA GLY A 123 6.06 -9.72 -3.72
C GLY A 123 6.66 -9.57 -2.33
N LYS A 124 6.36 -8.46 -1.66
CA LYS A 124 6.88 -8.21 -0.33
C LYS A 124 5.86 -8.55 0.75
N ASP A 125 6.29 -9.29 1.77
CA ASP A 125 5.51 -9.44 2.98
C ASP A 125 5.67 -8.17 3.82
N LEU A 126 4.57 -7.65 4.35
CA LEU A 126 4.62 -6.42 5.14
C LEU A 126 4.47 -6.69 6.64
N ASP A 127 5.25 -5.98 7.45
CA ASP A 127 5.17 -6.08 8.92
C ASP A 127 4.71 -4.78 9.55
N PHE A 128 3.58 -4.83 10.26
CA PHE A 128 2.97 -3.63 10.84
C PHE A 128 2.95 -3.69 12.35
N GLN A 129 3.35 -2.57 12.97
CA GLN A 129 3.03 -2.30 14.38
C GLN A 129 1.96 -1.22 14.42
N VAL A 130 0.86 -1.49 15.11
CA VAL A 130 -0.32 -0.64 15.01
C VAL A 130 -0.89 -0.25 16.36
N GLU A 131 -1.33 1.00 16.47
CA GLU A 131 -2.11 1.44 17.62
C GLU A 131 -3.44 1.98 17.13
N VAL A 132 -4.54 1.47 17.68
CA VAL A 132 -5.85 1.98 17.31
C VAL A 132 -6.10 3.19 18.20
N VAL A 133 -5.95 4.38 17.62
CA VAL A 133 -6.01 5.61 18.43
C VAL A 133 -7.45 6.07 18.70
N LYS A 134 -8.28 6.10 17.67
CA LYS A 134 -9.68 6.47 17.83
C LYS A 134 -10.59 5.65 16.91
N VAL A 135 -11.81 5.40 17.37
CA VAL A 135 -12.84 4.79 16.55
C VAL A 135 -14.17 5.52 16.73
N ARG A 136 -14.74 5.98 15.63
CA ARG A 136 -16.05 6.61 15.69
C ARG A 136 -16.84 6.19 14.47
N GLU A 137 -18.13 6.47 14.47
CA GLU A 137 -18.94 6.15 13.31
C GLU A 137 -18.76 7.20 12.22
N ALA A 138 -18.87 6.78 10.97
CA ALA A 138 -18.74 7.69 9.85
C ALA A 138 -19.96 8.60 9.83
N THR A 139 -19.76 9.86 9.48
CA THR A 139 -20.88 10.77 9.25
C THR A 139 -21.49 10.44 7.90
N PRO A 140 -22.75 10.86 7.67
CA PRO A 140 -23.40 10.50 6.40
C PRO A 140 -22.63 10.98 5.17
N GLU A 141 -21.94 12.11 5.26
CA GLU A 141 -21.15 12.53 4.09
C GLU A 141 -20.02 11.55 3.80
N GLU A 142 -19.30 11.13 4.83
CA GLU A 142 -18.21 10.17 4.68
C GLU A 142 -18.68 8.88 4.03
N LEU A 143 -19.88 8.43 4.40
CA LEU A 143 -20.42 7.20 3.82
C LEU A 143 -20.72 7.39 2.33
N LEU A 144 -21.17 8.58 1.96
CA LEU A 144 -21.43 8.91 0.55
C LEU A 144 -20.16 8.89 -0.29
N HIS A 145 -19.15 9.64 0.14
CA HIS A 145 -17.89 9.68 -0.59
C HIS A 145 -17.15 8.36 -0.51
N GLY A 146 -17.55 7.50 0.42
CA GLY A 146 -16.86 6.25 0.65
C GLY A 146 -15.45 6.42 1.21
N HIS A 147 -15.23 7.47 2.00
CA HIS A 147 -13.95 7.65 2.66
C HIS A 147 -14.03 8.61 3.84
N ALA A 148 -12.99 8.57 4.68
CA ALA A 148 -12.93 9.39 5.88
C ALA A 148 -12.61 10.84 5.57
N HIS A 149 -13.28 11.75 6.25
CA HIS A 149 -12.88 13.16 6.27
C HIS A 149 -12.30 13.44 7.64
N PRO A 150 -10.98 13.26 7.78
CA PRO A 150 -10.27 13.40 9.05
C PRO A 150 -10.31 14.84 9.58
N SER A 151 -10.67 15.01 10.84
CA SER A 151 -10.71 16.33 11.48
C SER A 151 -11.24 17.42 10.54
C1 SIN B 1 -4.36 -3.21 -3.03
O1 SIN B 1 -4.40 -4.09 -3.92
O2 SIN B 1 -3.28 -2.74 -2.60
C2 SIN B 1 -5.67 -2.71 -2.45
C3 SIN B 1 -5.39 -1.60 -1.44
C4 SIN B 1 -6.03 -0.31 -1.93
O3 SIN B 1 -6.16 -0.10 -3.12
N ALA B 2 -5.24 0.54 -1.28
CA ALA B 2 -4.48 1.78 -1.40
C ALA B 2 -3.56 2.00 -0.19
N LEU B 3 -4.07 2.72 0.81
CA LEU B 3 -3.28 3.03 2.01
C LEU B 3 -2.73 1.75 2.66
N PRO B 4 -1.63 1.87 3.42
CA PRO B 4 -0.88 3.06 3.82
C PRO B 4 -0.17 3.79 2.68
N ALA B 5 -0.45 5.09 2.55
CA ALA B 5 0.23 5.93 1.57
C ALA B 5 0.88 7.14 2.24
N1 NIT B 6 1.09 7.43 3.53
C1 NIT B 6 1.80 8.26 4.33
C2 NIT B 6 3.17 8.43 4.10
C3 NIT B 6 3.91 9.28 4.92
C4 NIT B 6 3.28 9.95 5.98
N4 NIT B 6 4.03 10.80 6.79
ON1 NIT B 6 5.25 10.71 6.80
ON2 NIT B 6 3.43 11.69 7.54
C5 NIT B 6 1.92 9.78 6.20
C6 NIT B 6 1.18 8.94 5.38
ZN ZN C . -25.60 5.80 14.11
ZN ZN D . -15.26 13.29 0.46
ZN ZN E . -10.74 6.24 3.79
ZN ZN F . -13.13 6.70 21.72
#